data_1MT0
#
_entry.id   1MT0
#
_cell.length_a   105.2
_cell.length_b   105.2
_cell.length_c   125.4
_cell.angle_alpha   90
_cell.angle_beta   90
_cell.angle_gamma   90
#
_symmetry.space_group_name_H-M   'P 41 21 2'
#
loop_
_entity.id
_entity.type
_entity.pdbx_description
1 polymer 'Hemolysin secretion ATP-binding protein'
2 non-polymer 'SULFATE ION'
3 water water
#
_entity_poly.entity_id   1
_entity_poly.type   'polypeptide(L)'
_entity_poly.pdbx_seq_one_letter_code
;DITFRNIRFRYKPDSPVILDNINLSIKQGEVIGIVGRSGSGKSTLTKLIQRFYIPENGQVLIDGHDLALADPNWLRRQVG
VVLQDNVLLNRSIIDNISLANPGMSVEKVIYAAKLAGAHDFISELREGYNTIVGEQGAGLSGGQRQRIAIARALVNNPKI
LIFDEATSALDYESEHVIMRNMHKICKGRTVIIIAHRLSTVKNADRIIVMEKGKIVEQGKHKELLSEPESLYSYLYQLQS
D
;
_entity_poly.pdbx_strand_id   A
#
# COMPACT_ATOMS: atom_id res chain seq x y z
N ASP A 1 6.33 -4.67 14.34
CA ASP A 1 6.52 -3.26 14.77
C ASP A 1 7.53 -2.52 13.88
N ILE A 2 7.01 -1.71 12.96
CA ILE A 2 7.84 -0.94 12.03
C ILE A 2 8.21 0.39 12.67
N THR A 3 9.49 0.74 12.59
CA THR A 3 9.97 1.99 13.18
C THR A 3 10.86 2.86 12.31
N PHE A 4 10.60 4.16 12.37
CA PHE A 4 11.39 5.18 11.68
C PHE A 4 12.04 5.99 12.81
N ARG A 5 13.37 5.92 12.93
CA ARG A 5 14.09 6.65 13.98
C ARG A 5 14.93 7.81 13.43
N ASN A 6 14.56 9.03 13.80
CA ASN A 6 15.28 10.23 13.35
C ASN A 6 15.72 10.14 11.89
N ILE A 7 14.77 9.78 11.03
CA ILE A 7 15.04 9.62 9.61
C ILE A 7 15.16 10.93 8.88
N ARG A 8 16.19 11.02 8.03
CA ARG A 8 16.43 12.19 7.18
C ARG A 8 16.72 11.61 5.79
N PHE A 9 16.07 12.14 4.77
CA PHE A 9 16.26 11.61 3.42
C PHE A 9 16.27 12.69 2.34
N ARG A 10 17.13 12.50 1.34
CA ARG A 10 17.24 13.41 0.20
C ARG A 10 17.21 12.44 -0.98
N TYR A 11 16.90 12.94 -2.16
CA TYR A 11 16.90 12.10 -3.35
C TYR A 11 18.34 11.95 -3.83
N LYS A 12 18.99 13.07 -4.10
CA LYS A 12 20.37 13.06 -4.57
C LYS A 12 21.31 13.76 -3.59
N PRO A 13 22.61 13.42 -3.65
CA PRO A 13 23.67 13.96 -2.78
C PRO A 13 23.42 15.35 -2.21
N ASP A 14 23.27 16.36 -3.07
CA ASP A 14 23.04 17.70 -2.56
C ASP A 14 21.76 18.38 -3.03
N SER A 15 20.64 17.66 -2.97
CA SER A 15 19.34 18.21 -3.36
C SER A 15 18.60 18.59 -2.08
N PRO A 16 17.38 19.14 -2.20
CA PRO A 16 16.61 19.52 -1.01
C PRO A 16 16.29 18.34 -0.11
N VAL A 17 16.19 18.59 1.19
CA VAL A 17 15.86 17.53 2.13
C VAL A 17 14.36 17.29 2.04
N ILE A 18 13.96 16.04 1.75
CA ILE A 18 12.55 15.71 1.65
C ILE A 18 11.94 15.36 3.00
N LEU A 19 12.61 14.49 3.75
CA LEU A 19 12.15 14.09 5.08
C LEU A 19 13.14 14.69 6.07
N ASP A 20 12.68 15.60 6.93
CA ASP A 20 13.59 16.25 7.87
C ASP A 20 14.10 15.35 9.00
N ASN A 21 13.21 15.02 9.92
CA ASN A 21 13.61 14.18 11.03
C ASN A 21 12.38 13.40 11.47
N ILE A 22 11.94 12.49 10.60
CA ILE A 22 10.76 11.68 10.88
C ILE A 22 10.99 10.64 11.96
N ASN A 23 10.02 10.56 12.85
CA ASN A 23 10.02 9.57 13.92
C ASN A 23 8.59 9.04 13.94
N LEU A 24 8.46 7.74 13.66
CA LEU A 24 7.17 7.10 13.60
C LEU A 24 7.29 5.64 14.05
N SER A 25 6.31 5.18 14.80
CA SER A 25 6.35 3.81 15.29
C SER A 25 4.98 3.19 15.06
N ILE A 26 4.94 2.19 14.18
CA ILE A 26 3.71 1.50 13.82
C ILE A 26 3.62 0.18 14.57
N LYS A 27 2.60 0.05 15.42
CA LYS A 27 2.41 -1.17 16.20
C LYS A 27 1.92 -2.33 15.35
N GLN A 28 2.18 -3.55 15.83
CA GLN A 28 1.76 -4.73 15.10
C GLN A 28 0.26 -4.80 14.96
N GLY A 29 -0.21 -5.10 13.75
CA GLY A 29 -1.64 -5.20 13.52
C GLY A 29 -2.34 -3.87 13.28
N GLU A 30 -1.63 -2.78 13.55
CA GLU A 30 -2.20 -1.45 13.36
C GLU A 30 -2.38 -1.21 11.85
N VAL A 31 -3.49 -0.56 11.50
CA VAL A 31 -3.77 -0.20 10.12
C VAL A 31 -3.63 1.31 10.16
N ILE A 32 -2.49 1.79 9.67
CA ILE A 32 -2.19 3.21 9.68
C ILE A 32 -2.37 3.89 8.31
N GLY A 33 -2.95 5.07 8.30
CA GLY A 33 -3.15 5.78 7.05
C GLY A 33 -2.25 7.00 7.00
N ILE A 34 -1.69 7.29 5.84
CA ILE A 34 -0.79 8.44 5.72
C ILE A 34 -1.22 9.32 4.56
N VAL A 35 -1.56 10.58 4.86
CA VAL A 35 -2.00 11.53 3.85
C VAL A 35 -1.19 12.82 3.89
N GLY A 36 -1.43 13.68 2.90
CA GLY A 36 -0.73 14.95 2.84
C GLY A 36 -0.68 15.55 1.46
N ARG A 37 -0.56 16.88 1.39
CA ARG A 37 -0.49 17.62 0.13
C ARG A 37 0.80 17.30 -0.63
N SER A 38 0.84 17.73 -1.89
CA SER A 38 2.02 17.50 -2.71
C SER A 38 3.22 18.10 -1.99
N GLY A 39 4.30 17.33 -1.89
CA GLY A 39 5.50 17.78 -1.22
C GLY A 39 5.57 17.31 0.23
N SER A 40 4.54 16.60 0.69
CA SER A 40 4.52 16.11 2.07
C SER A 40 5.69 15.19 2.37
N GLY A 41 6.02 14.34 1.40
CA GLY A 41 7.11 13.41 1.59
C GLY A 41 6.61 11.98 1.73
N LYS A 42 5.30 11.80 1.86
CA LYS A 42 4.76 10.45 2.02
C LYS A 42 5.12 9.51 0.90
N SER A 43 5.43 10.07 -0.26
CA SER A 43 5.77 9.24 -1.42
C SER A 43 7.15 8.60 -1.33
N THR A 44 7.79 8.69 -0.17
CA THR A 44 9.12 8.09 -0.03
C THR A 44 9.14 6.99 1.02
N LEU A 45 8.06 6.88 1.79
CA LEU A 45 7.99 5.87 2.85
C LEU A 45 8.05 4.43 2.37
N THR A 46 7.30 4.10 1.32
CA THR A 46 7.30 2.74 0.83
C THR A 46 8.72 2.27 0.49
N LYS A 47 9.40 3.01 -0.38
CA LYS A 47 10.76 2.64 -0.79
C LYS A 47 11.76 2.66 0.35
N LEU A 48 11.40 3.27 1.47
CA LEU A 48 12.28 3.30 2.62
C LEU A 48 12.04 2.03 3.45
N ILE A 49 10.78 1.59 3.53
CA ILE A 49 10.45 0.39 4.28
C ILE A 49 11.00 -0.79 3.46
N GLN A 50 10.97 -0.66 2.14
CA GLN A 50 11.60 -1.68 1.31
C GLN A 50 13.00 -1.15 1.56
N ARG A 51 14.03 -1.52 0.81
CA ARG A 51 15.29 -0.87 1.16
C ARG A 51 15.90 -0.17 -0.04
N PHE A 52 15.04 0.33 -0.90
CA PHE A 52 15.49 1.01 -2.09
C PHE A 52 16.07 2.37 -1.75
N TYR A 53 15.39 3.11 -0.88
CA TYR A 53 15.89 4.42 -0.47
C TYR A 53 16.79 4.27 0.74
N ILE A 54 17.99 4.87 0.69
CA ILE A 54 18.89 4.80 1.84
C ILE A 54 18.85 6.13 2.59
N PRO A 55 18.48 6.10 3.88
CA PRO A 55 18.38 7.27 4.74
C PRO A 55 19.74 7.95 4.97
N GLU A 56 19.81 9.24 4.69
CA GLU A 56 21.01 10.03 4.88
C GLU A 56 21.42 9.99 6.36
N ASN A 57 20.42 9.82 7.21
CA ASN A 57 20.63 9.78 8.65
C ASN A 57 19.47 9.05 9.31
N GLY A 58 19.72 8.49 10.49
CA GLY A 58 18.68 7.77 11.20
C GLY A 58 18.59 6.35 10.70
N GLN A 59 17.59 5.61 11.15
CA GLN A 59 17.44 4.22 10.72
C GLN A 59 16.00 3.76 10.65
N VAL A 60 15.74 2.78 9.78
CA VAL A 60 14.42 2.19 9.60
C VAL A 60 14.55 0.76 10.07
N LEU A 61 13.69 0.32 10.98
CA LEU A 61 13.78 -1.05 11.45
C LEU A 61 12.47 -1.79 11.57
N ILE A 62 12.48 -3.05 11.15
CA ILE A 62 11.30 -3.89 11.22
C ILE A 62 11.52 -4.83 12.39
N ASP A 63 10.48 -5.05 13.19
CA ASP A 63 10.58 -5.95 14.32
C ASP A 63 11.89 -5.80 15.11
N GLY A 64 12.43 -4.58 15.14
CA GLY A 64 13.65 -4.35 15.88
C GLY A 64 14.94 -4.42 15.07
N HIS A 65 14.90 -5.09 13.93
CA HIS A 65 16.09 -5.22 13.08
C HIS A 65 16.29 -4.04 12.15
N ASP A 66 17.47 -3.42 12.21
CA ASP A 66 17.80 -2.28 11.34
C ASP A 66 17.83 -2.81 9.89
N LEU A 67 17.01 -2.24 9.02
CA LEU A 67 16.98 -2.70 7.63
C LEU A 67 18.30 -2.58 6.87
N ALA A 68 19.19 -1.73 7.36
CA ALA A 68 20.48 -1.54 6.71
C ALA A 68 21.35 -2.79 6.88
N LEU A 69 20.98 -3.66 7.82
CA LEU A 69 21.74 -4.88 8.07
C LEU A 69 20.91 -6.13 7.82
N ALA A 70 19.63 -5.98 7.55
CA ALA A 70 18.76 -7.12 7.32
C ALA A 70 19.01 -7.81 5.98
N ASP A 71 18.71 -9.11 5.94
CA ASP A 71 18.87 -9.93 4.75
C ASP A 71 17.81 -9.59 3.72
N PRO A 72 18.23 -9.32 2.47
CA PRO A 72 17.34 -8.97 1.37
C PRO A 72 16.09 -9.82 1.24
N ASN A 73 16.25 -11.14 1.23
CA ASN A 73 15.10 -12.05 1.09
C ASN A 73 14.21 -12.04 2.34
N TRP A 74 14.84 -11.97 3.51
CA TRP A 74 14.09 -11.92 4.76
C TRP A 74 13.14 -10.72 4.70
N LEU A 75 13.70 -9.57 4.36
CA LEU A 75 12.96 -8.33 4.25
C LEU A 75 11.85 -8.45 3.23
N ARG A 76 12.14 -9.17 2.15
CA ARG A 76 11.20 -9.37 1.07
C ARG A 76 10.03 -10.28 1.50
N ARG A 77 10.27 -11.15 2.48
CA ARG A 77 9.22 -12.06 2.96
C ARG A 77 8.33 -11.34 3.98
N GLN A 78 8.90 -10.32 4.60
CA GLN A 78 8.20 -9.54 5.60
C GLN A 78 7.20 -8.53 5.04
N VAL A 79 7.60 -7.82 3.98
CA VAL A 79 6.77 -6.79 3.38
C VAL A 79 6.12 -7.09 2.05
N GLY A 80 4.82 -6.81 1.96
CA GLY A 80 4.07 -7.01 0.73
C GLY A 80 3.72 -5.60 0.26
N VAL A 81 4.07 -5.26 -0.98
CA VAL A 81 3.81 -3.92 -1.51
C VAL A 81 2.87 -3.85 -2.70
N VAL A 82 1.85 -3.02 -2.58
CA VAL A 82 0.87 -2.84 -3.66
C VAL A 82 0.92 -1.39 -4.17
N LEU A 83 1.39 -1.22 -5.39
CA LEU A 83 1.45 0.10 -6.01
C LEU A 83 0.33 0.13 -7.02
N GLN A 84 0.17 1.26 -7.71
CA GLN A 84 -0.85 1.39 -8.74
C GLN A 84 -0.32 0.56 -9.92
N ASP A 85 -0.73 -0.71 -9.99
CA ASP A 85 -0.28 -1.59 -11.07
C ASP A 85 -1.37 -1.87 -12.09
N ASN A 86 -1.32 -1.17 -13.22
CA ASN A 86 -2.33 -1.37 -14.24
C ASN A 86 -1.76 -2.02 -15.50
N VAL A 87 -0.76 -2.86 -15.32
CA VAL A 87 -0.14 -3.56 -16.45
C VAL A 87 0.05 -5.05 -16.17
N LEU A 88 -0.58 -5.87 -17.00
CA LEU A 88 -0.49 -7.32 -16.86
C LEU A 88 0.27 -7.91 -18.03
N LEU A 89 0.75 -9.13 -17.86
CA LEU A 89 1.50 -9.81 -18.92
C LEU A 89 0.50 -10.67 -19.69
N ASN A 90 0.75 -10.86 -20.99
CA ASN A 90 -0.13 -11.67 -21.83
C ASN A 90 -0.06 -13.15 -21.54
N ARG A 91 -0.30 -13.51 -20.29
CA ARG A 91 -0.27 -14.90 -19.85
C ARG A 91 -1.68 -15.14 -19.33
N SER A 92 -1.90 -16.27 -18.68
CA SER A 92 -3.21 -16.55 -18.13
C SER A 92 -3.38 -15.65 -16.92
N ILE A 93 -4.58 -15.63 -16.35
CA ILE A 93 -4.83 -14.83 -15.17
C ILE A 93 -4.01 -15.41 -14.04
N ILE A 94 -3.93 -16.74 -13.99
CA ILE A 94 -3.20 -17.40 -12.92
C ILE A 94 -1.69 -17.23 -13.02
N ASP A 95 -1.16 -17.16 -14.24
CA ASP A 95 0.28 -16.97 -14.39
C ASP A 95 0.66 -15.56 -13.94
N ASN A 96 -0.25 -14.62 -14.17
CA ASN A 96 -0.05 -13.23 -13.79
C ASN A 96 -0.03 -13.05 -12.28
N ILE A 97 -0.75 -13.92 -11.57
CA ILE A 97 -0.81 -13.83 -10.12
C ILE A 97 0.39 -14.47 -9.44
N SER A 98 0.89 -15.56 -10.01
CA SER A 98 2.04 -16.24 -9.42
C SER A 98 3.33 -15.90 -10.16
N LEU A 99 3.34 -14.75 -10.82
CA LEU A 99 4.50 -14.31 -11.58
C LEU A 99 5.81 -14.41 -10.80
N ALA A 100 5.76 -14.08 -9.51
CA ALA A 100 6.96 -14.13 -8.69
C ALA A 100 7.25 -15.50 -8.05
N ASN A 101 6.22 -16.34 -7.92
CA ASN A 101 6.40 -17.66 -7.33
C ASN A 101 6.04 -18.74 -8.34
N PRO A 102 6.86 -18.91 -9.38
CA PRO A 102 6.72 -19.87 -10.48
C PRO A 102 5.76 -21.04 -10.29
N GLY A 103 6.27 -22.13 -9.74
CA GLY A 103 5.42 -23.30 -9.56
C GLY A 103 4.69 -23.36 -8.24
N MET A 104 4.08 -22.25 -7.83
CA MET A 104 3.35 -22.24 -6.58
C MET A 104 2.02 -22.95 -6.76
N SER A 105 1.46 -23.40 -5.63
CA SER A 105 0.20 -24.14 -5.59
C SER A 105 -1.00 -23.38 -6.15
N VAL A 106 -1.83 -24.07 -6.93
CA VAL A 106 -3.03 -23.44 -7.48
C VAL A 106 -3.97 -23.12 -6.32
N GLU A 107 -3.87 -23.92 -5.26
CA GLU A 107 -4.67 -23.73 -4.06
C GLU A 107 -4.37 -22.37 -3.44
N LYS A 108 -3.09 -22.00 -3.40
CA LYS A 108 -2.70 -20.71 -2.84
C LYS A 108 -3.06 -19.57 -3.77
N VAL A 109 -2.99 -19.80 -5.08
CA VAL A 109 -3.36 -18.77 -6.03
C VAL A 109 -4.80 -18.39 -5.74
N ILE A 110 -5.66 -19.41 -5.71
CA ILE A 110 -7.08 -19.21 -5.43
C ILE A 110 -7.28 -18.51 -4.09
N TYR A 111 -6.62 -19.01 -3.04
CA TYR A 111 -6.77 -18.42 -1.72
C TYR A 111 -6.45 -16.93 -1.73
N ALA A 112 -5.37 -16.56 -2.42
CA ALA A 112 -4.97 -15.16 -2.50
C ALA A 112 -6.00 -14.36 -3.27
N ALA A 113 -6.41 -14.88 -4.44
CA ALA A 113 -7.39 -14.20 -5.27
C ALA A 113 -8.67 -13.94 -4.48
N LYS A 114 -9.07 -14.90 -3.65
CA LYS A 114 -10.28 -14.74 -2.85
C LYS A 114 -10.11 -13.55 -1.92
N LEU A 115 -9.02 -13.54 -1.13
CA LEU A 115 -8.76 -12.43 -0.23
C LEU A 115 -8.77 -11.08 -0.94
N ALA A 116 -8.12 -11.02 -2.10
CA ALA A 116 -8.04 -9.80 -2.88
C ALA A 116 -9.39 -9.40 -3.46
N GLY A 117 -10.35 -10.32 -3.39
CA GLY A 117 -11.66 -10.02 -3.94
C GLY A 117 -11.62 -10.07 -5.46
N ALA A 118 -10.86 -11.00 -6.00
CA ALA A 118 -10.74 -11.16 -7.44
C ALA A 118 -11.28 -12.51 -7.88
N HIS A 119 -11.43 -13.44 -6.94
CA HIS A 119 -11.90 -14.77 -7.27
C HIS A 119 -13.19 -14.82 -8.09
N ASP A 120 -14.24 -14.19 -7.59
CA ASP A 120 -15.51 -14.17 -8.29
C ASP A 120 -15.46 -13.65 -9.72
N PHE A 121 -14.98 -12.42 -9.91
CA PHE A 121 -14.95 -11.88 -11.27
C PHE A 121 -14.01 -12.68 -12.15
N ILE A 122 -13.08 -13.42 -11.55
CA ILE A 122 -12.16 -14.24 -12.32
C ILE A 122 -12.93 -15.46 -12.80
N SER A 123 -13.40 -16.27 -11.86
CA SER A 123 -14.17 -17.45 -12.21
C SER A 123 -15.51 -16.90 -12.67
N GLU A 124 -15.51 -16.32 -13.86
CA GLU A 124 -16.70 -15.72 -14.43
C GLU A 124 -16.35 -15.46 -15.90
N LEU A 125 -15.06 -15.50 -16.20
CA LEU A 125 -14.59 -15.29 -17.57
C LEU A 125 -14.67 -16.63 -18.30
N ARG A 126 -14.57 -16.59 -19.62
CA ARG A 126 -14.64 -17.79 -20.45
C ARG A 126 -13.81 -18.93 -19.86
N GLU A 127 -12.49 -18.76 -19.87
CA GLU A 127 -11.57 -19.79 -19.38
C GLU A 127 -11.16 -19.67 -17.91
N GLY A 128 -11.83 -18.79 -17.17
CA GLY A 128 -11.50 -18.62 -15.76
C GLY A 128 -10.04 -18.26 -15.53
N TYR A 129 -9.44 -18.86 -14.49
CA TYR A 129 -8.05 -18.60 -14.17
C TYR A 129 -7.11 -18.83 -15.34
N ASN A 130 -7.53 -19.66 -16.28
CA ASN A 130 -6.69 -19.96 -17.42
C ASN A 130 -6.97 -18.99 -18.55
N THR A 131 -7.84 -18.02 -18.28
CA THR A 131 -8.17 -17.03 -19.29
C THR A 131 -6.92 -16.24 -19.68
N ILE A 132 -6.61 -16.23 -20.96
CA ILE A 132 -5.44 -15.49 -21.42
C ILE A 132 -5.76 -14.01 -21.31
N VAL A 133 -5.05 -13.34 -20.41
CA VAL A 133 -5.23 -11.92 -20.18
C VAL A 133 -4.48 -11.13 -21.24
N GLY A 134 -4.13 -11.80 -22.34
CA GLY A 134 -3.42 -11.14 -23.41
C GLY A 134 -4.09 -9.81 -23.72
N GLU A 135 -3.50 -8.72 -23.24
CA GLU A 135 -4.03 -7.36 -23.43
C GLU A 135 -4.43 -7.09 -24.87
N GLN A 136 -5.51 -7.74 -25.30
CA GLN A 136 -6.05 -7.62 -26.65
C GLN A 136 -7.51 -8.05 -26.65
N GLY A 137 -7.77 -9.28 -26.22
CA GLY A 137 -9.13 -9.80 -26.19
C GLY A 137 -9.76 -9.87 -24.81
N ALA A 138 -9.01 -10.33 -23.82
CA ALA A 138 -9.52 -10.43 -22.45
C ALA A 138 -9.32 -9.11 -21.70
N GLY A 139 -10.16 -8.13 -22.00
CA GLY A 139 -10.07 -6.82 -21.37
C GLY A 139 -10.73 -6.73 -20.01
N LEU A 140 -9.92 -6.52 -18.99
CA LEU A 140 -10.40 -6.38 -17.62
C LEU A 140 -10.52 -4.91 -17.26
N SER A 141 -11.12 -4.61 -16.12
CA SER A 141 -11.26 -3.22 -15.70
C SER A 141 -10.06 -2.81 -14.85
N GLY A 142 -9.81 -1.50 -14.78
CA GLY A 142 -8.70 -1.02 -13.98
C GLY A 142 -8.84 -1.52 -12.56
N GLY A 143 -10.06 -1.47 -12.03
CA GLY A 143 -10.27 -1.94 -10.68
C GLY A 143 -9.95 -3.42 -10.58
N GLN A 144 -10.22 -4.15 -11.66
CA GLN A 144 -9.95 -5.58 -11.66
C GLN A 144 -8.45 -5.86 -11.75
N ARG A 145 -7.76 -5.16 -12.65
CA ARG A 145 -6.31 -5.33 -12.79
C ARG A 145 -5.65 -4.99 -11.46
N GLN A 146 -6.16 -3.95 -10.82
CA GLN A 146 -5.59 -3.53 -9.56
C GLN A 146 -5.72 -4.66 -8.53
N ARG A 147 -6.82 -5.39 -8.60
CA ARG A 147 -7.06 -6.49 -7.68
C ARG A 147 -6.21 -7.72 -7.97
N ILE A 148 -5.88 -7.92 -9.25
CA ILE A 148 -5.01 -9.03 -9.64
C ILE A 148 -3.68 -8.77 -8.91
N ALA A 149 -3.26 -7.50 -8.92
CA ALA A 149 -2.02 -7.11 -8.25
C ALA A 149 -2.12 -7.35 -6.75
N ILE A 150 -3.20 -6.90 -6.11
CA ILE A 150 -3.33 -7.15 -4.68
C ILE A 150 -3.13 -8.65 -4.42
N ALA A 151 -3.52 -9.47 -5.40
CA ALA A 151 -3.37 -10.92 -5.28
C ALA A 151 -1.89 -11.30 -5.25
N ARG A 152 -1.13 -10.84 -6.23
CA ARG A 152 0.30 -11.12 -6.28
C ARG A 152 0.95 -10.85 -4.93
N ALA A 153 0.67 -9.69 -4.35
CA ALA A 153 1.27 -9.33 -3.08
C ALA A 153 0.85 -10.32 -1.99
N LEU A 154 -0.41 -10.75 -2.02
CA LEU A 154 -0.90 -11.68 -1.02
C LEU A 154 -0.57 -13.14 -1.29
N VAL A 155 0.04 -13.44 -2.43
CA VAL A 155 0.43 -14.81 -2.75
C VAL A 155 1.21 -15.34 -1.55
N ASN A 156 2.26 -14.63 -1.18
CA ASN A 156 3.06 -15.00 -0.02
C ASN A 156 2.11 -14.57 1.10
N ASN A 157 2.48 -14.74 2.35
CA ASN A 157 1.56 -14.30 3.37
C ASN A 157 2.24 -13.19 4.15
N PRO A 158 2.37 -12.00 3.52
CA PRO A 158 3.02 -10.81 4.10
C PRO A 158 2.48 -10.43 5.46
N LYS A 159 3.38 -10.25 6.42
CA LYS A 159 2.95 -9.84 7.75
C LYS A 159 2.83 -8.32 7.76
N ILE A 160 3.36 -7.69 6.71
CA ILE A 160 3.28 -6.24 6.57
C ILE A 160 2.82 -5.97 5.14
N LEU A 161 1.78 -5.15 5.00
CA LEU A 161 1.23 -4.80 3.68
C LEU A 161 1.16 -3.29 3.50
N ILE A 162 1.65 -2.81 2.36
CA ILE A 162 1.64 -1.39 2.07
C ILE A 162 0.88 -1.06 0.80
N PHE A 163 -0.13 -0.21 0.92
CA PHE A 163 -0.89 0.21 -0.25
C PHE A 163 -0.45 1.63 -0.52
N ASP A 164 0.31 1.81 -1.59
CA ASP A 164 0.84 3.13 -1.91
C ASP A 164 0.14 3.70 -3.12
N GLU A 165 -0.93 4.47 -2.87
CA GLU A 165 -1.73 5.09 -3.94
C GLU A 165 -2.28 3.99 -4.82
N ALA A 166 -2.52 2.84 -4.21
CA ALA A 166 -3.01 1.66 -4.92
C ALA A 166 -4.31 1.87 -5.66
N THR A 167 -5.17 2.74 -5.17
CA THR A 167 -6.45 2.95 -5.82
C THR A 167 -6.75 4.37 -6.25
N SER A 168 -5.73 5.22 -6.23
CA SER A 168 -5.92 6.63 -6.60
C SER A 168 -6.38 6.85 -8.04
N ALA A 169 -6.01 5.95 -8.95
CA ALA A 169 -6.40 6.08 -10.35
C ALA A 169 -7.77 5.45 -10.65
N LEU A 170 -8.49 5.05 -9.61
CA LEU A 170 -9.81 4.44 -9.80
C LEU A 170 -10.88 5.43 -9.36
N ASP A 171 -12.07 5.29 -9.90
CA ASP A 171 -13.17 6.18 -9.53
C ASP A 171 -13.78 5.65 -8.24
N TYR A 172 -14.66 6.42 -7.60
CA TYR A 172 -15.26 6.00 -6.35
C TYR A 172 -15.78 4.57 -6.37
N GLU A 173 -16.60 4.24 -7.37
CA GLU A 173 -17.15 2.89 -7.47
C GLU A 173 -16.08 1.82 -7.43
N SER A 174 -15.16 1.86 -8.40
CA SER A 174 -14.09 0.89 -8.46
C SER A 174 -13.38 0.78 -7.12
N GLU A 175 -12.89 1.91 -6.62
CA GLU A 175 -12.20 1.89 -5.34
C GLU A 175 -13.08 1.28 -4.27
N HIS A 176 -14.36 1.64 -4.28
CA HIS A 176 -15.27 1.14 -3.26
C HIS A 176 -15.24 -0.38 -3.20
N VAL A 177 -15.41 -1.02 -4.36
CA VAL A 177 -15.40 -2.48 -4.45
C VAL A 177 -14.19 -3.02 -3.68
N ILE A 178 -13.04 -2.41 -3.91
CA ILE A 178 -11.81 -2.81 -3.24
C ILE A 178 -11.81 -2.50 -1.74
N MET A 179 -12.30 -1.33 -1.32
CA MET A 179 -12.32 -0.98 0.09
C MET A 179 -13.20 -1.94 0.89
N ARG A 180 -14.12 -2.61 0.21
CA ARG A 180 -15.00 -3.56 0.87
C ARG A 180 -14.24 -4.78 1.38
N ASN A 181 -13.16 -5.14 0.72
CA ASN A 181 -12.36 -6.30 1.11
C ASN A 181 -11.25 -5.97 2.09
N MET A 182 -10.84 -4.70 2.14
CA MET A 182 -9.76 -4.28 3.03
C MET A 182 -9.82 -4.85 4.43
N HIS A 183 -11.02 -5.11 4.93
CA HIS A 183 -11.14 -5.65 6.28
C HIS A 183 -10.48 -7.03 6.37
N LYS A 184 -10.91 -7.95 5.51
CA LYS A 184 -10.35 -9.29 5.51
C LYS A 184 -8.90 -9.32 5.05
N ILE A 185 -8.53 -8.42 4.15
CA ILE A 185 -7.15 -8.37 3.67
C ILE A 185 -6.20 -7.90 4.78
N CYS A 186 -6.73 -7.12 5.73
CA CYS A 186 -5.92 -6.62 6.83
C CYS A 186 -5.80 -7.57 8.02
N LYS A 187 -6.68 -8.57 8.07
CA LYS A 187 -6.67 -9.54 9.17
C LYS A 187 -5.27 -10.08 9.48
N GLY A 188 -4.85 -9.92 10.72
CA GLY A 188 -3.55 -10.41 11.14
C GLY A 188 -2.34 -9.78 10.48
N ARG A 189 -2.49 -8.57 9.95
CA ARG A 189 -1.36 -7.90 9.32
C ARG A 189 -1.24 -6.47 9.83
N THR A 190 -0.05 -5.90 9.65
CA THR A 190 0.18 -4.51 10.00
C THR A 190 0.03 -3.86 8.62
N VAL A 191 -0.86 -2.87 8.49
CA VAL A 191 -1.06 -2.27 7.18
C VAL A 191 -0.89 -0.77 7.10
N ILE A 192 -0.15 -0.34 6.10
CA ILE A 192 0.09 1.07 5.85
C ILE A 192 -0.63 1.45 4.55
N ILE A 193 -1.50 2.45 4.64
CA ILE A 193 -2.23 2.93 3.47
C ILE A 193 -1.87 4.40 3.23
N ILE A 194 -1.10 4.62 2.16
CA ILE A 194 -0.67 5.94 1.75
C ILE A 194 -1.59 6.31 0.62
N ALA A 195 -2.41 7.33 0.82
CA ALA A 195 -3.35 7.73 -0.22
C ALA A 195 -3.58 9.22 -0.34
N HIS A 196 -4.05 9.61 -1.52
CA HIS A 196 -4.34 10.99 -1.84
C HIS A 196 -5.74 11.34 -1.30
N ARG A 197 -6.69 10.44 -1.54
CA ARG A 197 -8.07 10.62 -1.11
C ARG A 197 -8.18 10.30 0.38
N LEU A 198 -8.40 11.32 1.21
CA LEU A 198 -8.52 11.10 2.66
C LEU A 198 -9.58 10.08 3.00
N SER A 199 -10.64 10.02 2.20
CA SER A 199 -11.70 9.07 2.46
C SER A 199 -11.18 7.64 2.45
N THR A 200 -10.20 7.37 1.59
CA THR A 200 -9.61 6.04 1.49
C THR A 200 -9.07 5.55 2.83
N VAL A 201 -8.59 6.48 3.65
CA VAL A 201 -7.96 6.15 4.92
C VAL A 201 -8.86 6.39 6.14
N LYS A 202 -10.13 6.70 5.86
CA LYS A 202 -11.17 7.00 6.85
C LYS A 202 -11.28 6.10 8.09
N ASN A 203 -11.16 4.78 7.90
CA ASN A 203 -11.29 3.87 9.04
C ASN A 203 -10.00 3.32 9.60
N ALA A 204 -8.88 3.96 9.29
CA ALA A 204 -7.60 3.51 9.78
C ALA A 204 -7.58 3.60 11.29
N ASP A 205 -6.78 2.77 11.95
CA ASP A 205 -6.69 2.82 13.39
C ASP A 205 -6.10 4.15 13.79
N ARG A 206 -5.50 4.84 12.83
CA ARG A 206 -4.86 6.11 13.10
C ARG A 206 -4.33 6.72 11.81
N ILE A 207 -4.51 8.02 11.65
CA ILE A 207 -4.07 8.69 10.45
C ILE A 207 -2.91 9.62 10.75
N ILE A 208 -1.90 9.61 9.89
CA ILE A 208 -0.74 10.48 10.05
C ILE A 208 -0.81 11.52 8.94
N VAL A 209 -0.82 12.79 9.34
CA VAL A 209 -0.88 13.88 8.36
C VAL A 209 0.51 14.45 8.16
N MET A 210 1.05 14.29 6.96
CA MET A 210 2.38 14.80 6.63
C MET A 210 2.27 16.09 5.80
N GLU A 211 3.24 16.97 5.97
CA GLU A 211 3.28 18.25 5.26
C GLU A 211 4.71 18.79 5.28
N LYS A 212 5.24 19.05 4.07
CA LYS A 212 6.59 19.58 3.94
C LYS A 212 7.62 18.69 4.62
N GLY A 213 7.54 17.39 4.35
CA GLY A 213 8.47 16.46 4.95
C GLY A 213 8.33 16.28 6.45
N LYS A 214 7.28 16.82 7.06
CA LYS A 214 7.13 16.65 8.51
C LYS A 214 5.75 16.16 8.93
N ILE A 215 5.71 15.47 10.07
CA ILE A 215 4.46 14.97 10.63
C ILE A 215 3.88 16.11 11.46
N VAL A 216 2.72 16.61 11.06
CA VAL A 216 2.11 17.74 11.76
C VAL A 216 0.87 17.42 12.58
N GLU A 217 0.14 16.36 12.21
CA GLU A 217 -1.07 15.95 12.92
C GLU A 217 -1.23 14.45 12.84
N GLN A 218 -1.92 13.88 13.82
CA GLN A 218 -2.19 12.45 13.82
C GLN A 218 -3.26 12.06 14.82
N GLY A 219 -4.19 11.22 14.37
CA GLY A 219 -5.28 10.75 15.20
C GLY A 219 -6.30 9.98 14.40
N LYS A 220 -7.41 9.63 15.04
CA LYS A 220 -8.47 8.90 14.36
C LYS A 220 -9.18 9.92 13.50
N HIS A 221 -9.79 9.46 12.41
CA HIS A 221 -10.52 10.31 11.49
C HIS A 221 -11.40 11.34 12.20
N LYS A 222 -12.18 10.87 13.18
CA LYS A 222 -13.08 11.73 13.94
C LYS A 222 -12.40 12.74 14.86
N GLU A 223 -11.30 12.36 15.49
CA GLU A 223 -10.60 13.29 16.36
C GLU A 223 -10.10 14.47 15.54
N LEU A 224 -9.40 14.17 14.45
CA LEU A 224 -8.86 15.21 13.57
C LEU A 224 -9.94 16.09 12.96
N LEU A 225 -11.03 15.46 12.52
CA LEU A 225 -12.10 16.19 11.89
C LEU A 225 -12.91 17.05 12.87
N SER A 226 -12.79 16.77 14.16
CA SER A 226 -13.51 17.53 15.17
C SER A 226 -12.79 18.86 15.45
N GLU A 227 -11.57 18.99 14.94
CA GLU A 227 -10.79 20.22 15.08
C GLU A 227 -10.96 20.94 13.75
N PRO A 228 -11.84 21.95 13.71
CA PRO A 228 -12.11 22.70 12.48
C PRO A 228 -10.89 23.36 11.87
N GLU A 229 -9.95 23.80 12.70
CA GLU A 229 -8.77 24.48 12.18
C GLU A 229 -7.64 23.55 11.77
N SER A 230 -7.82 22.25 11.96
CA SER A 230 -6.79 21.27 11.60
C SER A 230 -6.52 21.20 10.09
N LEU A 231 -5.28 20.85 9.72
CA LEU A 231 -4.93 20.74 8.32
C LEU A 231 -5.75 19.60 7.72
N TYR A 232 -5.97 18.56 8.52
CA TYR A 232 -6.76 17.42 8.06
C TYR A 232 -8.15 17.90 7.68
N SER A 233 -8.75 18.72 8.53
CA SER A 233 -10.08 19.24 8.25
C SER A 233 -10.09 20.08 6.97
N TYR A 234 -9.00 20.80 6.72
CA TYR A 234 -8.90 21.60 5.51
C TYR A 234 -8.89 20.65 4.31
N LEU A 235 -7.95 19.72 4.30
CA LEU A 235 -7.86 18.76 3.21
C LEU A 235 -9.16 18.00 3.00
N TYR A 236 -9.83 17.65 4.09
CA TYR A 236 -11.08 16.92 3.99
C TYR A 236 -12.11 17.74 3.26
N GLN A 237 -12.23 19.03 3.61
CA GLN A 237 -13.20 19.88 2.95
C GLN A 237 -12.90 19.96 1.45
N LEU A 238 -11.64 20.12 1.10
CA LEU A 238 -11.24 20.21 -0.30
C LEU A 238 -11.70 19.06 -1.17
N GLN A 239 -11.70 17.85 -0.63
CA GLN A 239 -12.11 16.71 -1.44
C GLN A 239 -13.61 16.50 -1.34
N SER A 240 -14.34 17.59 -1.18
CA SER A 240 -15.80 17.51 -1.07
C SER A 240 -16.50 18.85 -1.34
N ASP A 241 -15.72 19.91 -1.53
CA ASP A 241 -16.28 21.23 -1.81
C ASP A 241 -17.16 21.19 -3.06
#